data_3JW9
#
_entry.id   3JW9
#
_cell.length_a   56.490
_cell.length_b   122.870
_cell.length_c   127.210
_cell.angle_alpha   90.00
_cell.angle_beta   90.00
_cell.angle_gamma   90.00
#
_symmetry.space_group_name_H-M   'I 2 2 2'
#
loop_
_entity.id
_entity.type
_entity.pdbx_description
1 polymer 'Methionine gamma-lyase'
2 non-polymer S-ethyl-L-cysteine
3 non-polymer DI(HYDROXYETHYL)ETHER
4 water water
#
_entity_poly.entity_id   1
_entity_poly.type   'polypeptide(L)'
_entity_poly.pdbx_seq_one_letter_code
;MSDCRTYGFNTQIVHAGQQPDPSTGALSTPIFQTSTFVFDSAEQGAARFALEESGYIYTRLGNPTTDALEKKLAVLERGE
AGLATASGISAITTTLLTLCQQGDHIVSASAIYGCTHAFLSHSMPKFGINVSFVDAAKPEEIRAAMRPETKVVYIETPAN
PTLSLVDIETVAGIAHQQGALLVVDNTFMSPYCQQPLQLGADIVVHSVT(LLP)YINGHGDVIGGIIVGKQEFIDQARFV
GLKDITGGCMSPFNAWLTLRGVKTLGIRMERHCENALKIARFLEGHPSITRVYYPGLSSHPQYELGQRQMSLPGGIISFE
IAGGLEAGRRMINSVELCLLAVSLGDTETLIQHPASMTHSPVAPEERLKAGITDGLIRLSVGLEDPEDIINDLEHAIRKA
TF
;
_entity_poly.pdbx_strand_id   A
#
loop_
_chem_comp.id
_chem_comp.type
_chem_comp.name
_chem_comp.formula
PEG non-polymer DI(HYDROXYETHYL)ETHER 'C4 H10 O3'
#
# COMPACT_ATOMS: atom_id res chain seq x y z
N SER A 2 28.13 8.72 8.32
CA SER A 2 27.53 8.04 9.46
C SER A 2 26.74 6.81 9.01
N ASP A 3 25.61 6.57 9.65
CA ASP A 3 24.75 5.45 9.31
C ASP A 3 23.34 5.95 9.01
N CYS A 4 22.82 5.54 7.85
CA CYS A 4 21.46 5.89 7.42
C CYS A 4 20.47 5.87 8.57
N ARG A 5 20.50 4.78 9.33
CA ARG A 5 19.43 4.49 10.29
C ARG A 5 19.45 5.35 11.56
N THR A 6 20.42 6.25 11.69
CA THR A 6 20.53 7.04 12.91
C THR A 6 19.88 8.43 12.87
N TYR A 7 19.53 8.91 11.68
CA TYR A 7 18.98 10.25 11.55
C TYR A 7 17.47 10.30 11.78
N GLY A 8 16.94 11.52 11.86
CA GLY A 8 15.50 11.73 11.97
C GLY A 8 14.77 11.22 10.76
N PHE A 9 13.45 11.02 10.88
CA PHE A 9 12.72 10.34 9.81
C PHE A 9 12.68 11.14 8.51
N ASN A 10 12.59 12.46 8.60
CA ASN A 10 12.58 13.29 7.40
C ASN A 10 13.94 13.22 6.72
N THR A 11 14.99 13.23 7.53
CA THR A 11 16.34 13.12 7.02
C THR A 11 16.51 11.80 6.28
N GLN A 12 15.99 10.73 6.87
CA GLN A 12 16.05 9.41 6.25
C GLN A 12 15.29 9.37 4.94
N ILE A 13 14.10 9.95 4.92
CA ILE A 13 13.32 10.03 3.70
C ILE A 13 14.14 10.61 2.56
N VAL A 14 14.86 11.70 2.86
CA VAL A 14 15.69 12.34 1.84
C VAL A 14 16.96 11.54 1.50
N HIS A 15 17.63 11.01 2.53
CA HIS A 15 18.99 10.50 2.36
C HIS A 15 19.18 8.98 2.38
N ALA A 16 18.34 8.27 3.13
CA ALA A 16 18.57 6.84 3.33
C ALA A 16 18.64 6.09 2.00
N GLY A 17 19.62 5.21 1.87
CA GLY A 17 19.77 4.38 0.69
C GLY A 17 20.47 5.07 -0.45
N GLN A 18 20.74 6.36 -0.29
CA GLN A 18 21.33 7.15 -1.37
C GLN A 18 22.62 7.85 -0.95
N GLN A 19 23.46 8.14 -1.93
CA GLN A 19 24.65 8.96 -1.71
C GLN A 19 25.14 9.40 -3.07
N PRO A 20 26.04 10.38 -3.10
CA PRO A 20 26.58 10.82 -4.40
C PRO A 20 27.25 9.66 -5.12
N ASP A 21 27.11 9.63 -6.44
CA ASP A 21 27.79 8.62 -7.25
C ASP A 21 29.29 8.62 -6.96
N PRO A 22 29.85 7.45 -6.68
CA PRO A 22 31.27 7.33 -6.33
C PRO A 22 32.23 7.76 -7.46
N SER A 23 31.85 7.55 -8.71
CA SER A 23 32.74 7.84 -9.83
C SER A 23 32.75 9.31 -10.23
N THR A 24 31.63 10.00 -10.02
CA THR A 24 31.45 11.32 -10.60
C THR A 24 31.00 12.37 -9.58
N GLY A 25 30.48 11.91 -8.45
CA GLY A 25 29.92 12.81 -7.45
C GLY A 25 28.51 13.26 -7.77
N ALA A 26 27.94 12.73 -8.86
CA ALA A 26 26.56 13.07 -9.22
C ALA A 26 25.64 12.93 -8.02
N LEU A 27 24.87 13.97 -7.72
CA LEU A 27 24.03 13.97 -6.54
C LEU A 27 22.78 13.10 -6.72
N SER A 28 22.07 13.30 -7.82
CA SER A 28 20.93 12.43 -8.12
C SER A 28 21.44 11.02 -8.36
N THR A 29 20.73 10.04 -7.82
CA THR A 29 21.06 8.64 -8.11
C THR A 29 20.99 8.46 -9.62
N PRO A 30 22.08 7.96 -10.22
CA PRO A 30 22.05 7.81 -11.68
C PRO A 30 20.98 6.80 -12.08
N ILE A 31 20.41 6.96 -13.27
CA ILE A 31 19.49 5.97 -13.78
C ILE A 31 20.29 4.91 -14.50
N PHE A 32 20.52 3.79 -13.83
CA PHE A 32 21.25 2.70 -14.43
C PHE A 32 20.29 1.90 -15.31
N GLN A 33 19.88 2.52 -16.41
CA GLN A 33 18.93 1.91 -17.33
C GLN A 33 19.70 0.96 -18.23
N THR A 34 20.04 -0.19 -17.68
CA THR A 34 20.83 -1.19 -18.37
C THR A 34 20.21 -2.56 -18.12
N SER A 35 20.47 -3.49 -19.03
CA SER A 35 20.07 -4.86 -18.80
C SER A 35 21.23 -5.63 -18.17
N THR A 36 22.42 -5.50 -18.75
CA THR A 36 23.54 -6.28 -18.23
C THR A 36 24.68 -5.47 -17.66
N PHE A 37 25.59 -6.18 -17.02
CA PHE A 37 26.72 -5.59 -16.36
C PHE A 37 27.94 -6.37 -16.80
N VAL A 38 29.05 -5.68 -16.93
CA VAL A 38 30.26 -6.26 -17.47
C VAL A 38 31.22 -6.66 -16.36
N PHE A 39 31.83 -7.83 -16.50
CA PHE A 39 32.82 -8.31 -15.55
C PHE A 39 34.22 -7.97 -16.05
N ASP A 40 35.13 -7.67 -15.12
CA ASP A 40 36.49 -7.32 -15.48
C ASP A 40 37.29 -8.57 -15.86
N SER A 41 36.83 -9.72 -15.37
CA SER A 41 37.50 -10.99 -15.62
C SER A 41 36.56 -12.16 -15.37
N ALA A 42 36.99 -13.35 -15.75
CA ALA A 42 36.22 -14.57 -15.50
C ALA A 42 36.04 -14.77 -14.00
N GLU A 43 37.13 -14.54 -13.26
CA GLU A 43 37.11 -14.70 -11.80
C GLU A 43 36.06 -13.79 -11.19
N GLN A 44 36.06 -12.54 -11.64
CA GLN A 44 35.14 -11.53 -11.12
C GLN A 44 33.70 -11.94 -11.39
N GLY A 45 33.44 -12.49 -12.58
CA GLY A 45 32.12 -12.98 -12.92
C GLY A 45 31.71 -14.17 -12.08
N ALA A 46 32.66 -15.06 -11.83
CA ALA A 46 32.40 -16.24 -10.99
C ALA A 46 32.11 -15.82 -9.55
N ALA A 47 32.96 -14.97 -9.00
CA ALA A 47 32.81 -14.52 -7.62
C ALA A 47 31.41 -13.97 -7.35
N ARG A 48 30.86 -13.24 -8.31
CA ARG A 48 29.54 -12.61 -8.14
C ARG A 48 28.39 -13.62 -8.24
N PHE A 49 28.53 -14.61 -9.11
CA PHE A 49 27.52 -15.64 -9.25
C PHE A 49 27.47 -16.54 -8.03
N ALA A 50 28.58 -16.59 -7.30
CA ALA A 50 28.68 -17.45 -6.13
C ALA A 50 28.20 -16.74 -4.87
N LEU A 51 27.59 -15.56 -5.06
CA LEU A 51 27.21 -14.72 -3.93
C LEU A 51 28.38 -14.67 -2.97
N GLU A 52 29.56 -14.44 -3.53
CA GLU A 52 30.82 -14.52 -2.80
C GLU A 52 31.57 -13.20 -2.99
N GLU A 53 30.99 -12.32 -3.80
CA GLU A 53 31.49 -10.97 -3.98
C GLU A 53 30.33 -10.03 -4.28
N SER A 54 30.39 -8.83 -3.74
CA SER A 54 29.33 -7.84 -3.96
C SER A 54 29.50 -7.18 -5.32
N GLY A 55 28.38 -6.94 -5.99
CA GLY A 55 28.39 -6.35 -7.32
C GLY A 55 27.16 -6.78 -8.09
N TYR A 56 27.03 -6.31 -9.32
CA TYR A 56 25.84 -6.58 -10.11
C TYR A 56 26.11 -7.57 -11.24
N ILE A 57 25.04 -8.14 -11.76
CA ILE A 57 25.13 -9.16 -12.80
C ILE A 57 24.17 -8.85 -13.94
N TYR A 58 22.92 -8.59 -13.57
CA TYR A 58 21.84 -8.52 -14.54
C TYR A 58 20.64 -7.89 -13.84
N THR A 59 19.97 -6.97 -14.52
CA THR A 59 18.97 -6.12 -13.86
C THR A 59 17.77 -6.87 -13.27
N ARG A 60 17.36 -7.98 -13.86
CA ARG A 60 16.27 -8.75 -13.24
C ARG A 60 16.66 -9.23 -11.84
N LEU A 61 17.95 -9.48 -11.64
CA LEU A 61 18.45 -9.94 -10.34
C LEU A 61 18.67 -8.77 -9.37
N GLY A 62 19.14 -7.66 -9.91
CA GLY A 62 19.48 -6.51 -9.09
C GLY A 62 20.06 -5.38 -9.93
N ASN A 63 20.01 -4.16 -9.39
CA ASN A 63 20.37 -2.96 -10.13
C ASN A 63 20.66 -1.85 -9.14
N PRO A 64 21.70 -1.03 -9.41
CA PRO A 64 22.12 -0.02 -8.44
C PRO A 64 21.03 1.00 -8.11
N THR A 65 20.24 1.37 -9.11
CA THR A 65 19.17 2.34 -8.88
C THR A 65 18.09 1.74 -7.99
N THR A 66 17.66 0.54 -8.36
CA THR A 66 16.61 -0.14 -7.62
C THR A 66 17.09 -0.52 -6.23
N ASP A 67 18.37 -0.84 -6.12
CA ASP A 67 18.97 -1.13 -4.82
C ASP A 67 18.82 0.07 -3.87
N ALA A 68 19.01 1.27 -4.38
CA ALA A 68 18.88 2.48 -3.57
C ALA A 68 17.46 2.60 -3.02
N LEU A 69 16.47 2.39 -3.89
CA LEU A 69 15.08 2.39 -3.47
C LEU A 69 14.79 1.33 -2.39
N GLU A 70 15.29 0.12 -2.61
CA GLU A 70 15.06 -0.97 -1.68
C GLU A 70 15.66 -0.68 -0.31
N LYS A 71 16.88 -0.14 -0.30
CA LYS A 71 17.53 0.21 0.96
C LYS A 71 16.80 1.34 1.68
N LYS A 72 16.38 2.35 0.93
CA LYS A 72 15.64 3.45 1.55
C LYS A 72 14.37 2.94 2.25
N LEU A 73 13.56 2.19 1.53
CA LEU A 73 12.30 1.71 2.08
C LEU A 73 12.51 0.75 3.25
N ALA A 74 13.58 -0.04 3.20
CA ALA A 74 13.92 -0.90 4.33
C ALA A 74 14.19 -0.02 5.56
N VAL A 75 14.96 1.04 5.37
CA VAL A 75 15.23 1.96 6.48
C VAL A 75 13.94 2.55 7.03
N LEU A 76 13.08 3.03 6.14
CA LEU A 76 11.87 3.73 6.55
C LEU A 76 10.87 2.82 7.28
N GLU A 77 10.82 1.55 6.90
CA GLU A 77 9.92 0.60 7.58
C GLU A 77 10.62 -0.08 8.75
N ARG A 78 11.88 0.26 8.99
CA ARG A 78 12.69 -0.42 10.00
C ARG A 78 12.79 -1.92 9.77
N GLY A 79 12.98 -2.30 8.51
CA GLY A 79 13.20 -3.69 8.16
C GLY A 79 14.63 -3.88 7.69
N GLU A 80 15.04 -5.14 7.54
CA GLU A 80 16.42 -5.42 7.18
C GLU A 80 16.73 -5.16 5.70
N ALA A 81 15.80 -5.51 4.83
CA ALA A 81 16.05 -5.49 3.40
C ALA A 81 14.78 -5.23 2.63
N GLY A 82 14.93 -4.75 1.39
CA GLY A 82 13.81 -4.42 0.54
C GLY A 82 13.95 -5.08 -0.83
N LEU A 83 12.82 -5.24 -1.51
CA LEU A 83 12.81 -5.81 -2.86
C LEU A 83 11.73 -5.10 -3.67
N ALA A 84 12.14 -4.40 -4.72
CA ALA A 84 11.23 -3.66 -5.57
C ALA A 84 10.59 -4.59 -6.61
N THR A 85 9.37 -4.26 -7.03
CA THR A 85 8.65 -5.12 -7.96
C THR A 85 7.91 -4.28 -8.99
N ALA A 86 7.41 -4.97 -10.01
CA ALA A 86 6.73 -4.35 -11.15
C ALA A 86 5.41 -3.70 -10.78
N SER A 87 4.84 -4.11 -9.65
CA SER A 87 3.56 -3.59 -9.20
C SER A 87 3.31 -3.98 -7.76
N GLY A 88 2.32 -3.34 -7.14
CA GLY A 88 1.91 -3.71 -5.80
C GLY A 88 1.44 -5.16 -5.78
N ILE A 89 0.66 -5.53 -6.79
CA ILE A 89 0.23 -6.92 -6.91
C ILE A 89 1.43 -7.88 -6.93
N SER A 90 2.43 -7.56 -7.76
CA SER A 90 3.61 -8.40 -7.80
C SER A 90 4.34 -8.47 -6.46
N ALA A 91 4.34 -7.38 -5.70
CA ALA A 91 4.91 -7.40 -4.36
C ALA A 91 4.17 -8.42 -3.49
N ILE A 92 2.85 -8.42 -3.59
CA ILE A 92 2.01 -9.33 -2.83
C ILE A 92 2.20 -10.79 -3.27
N THR A 93 2.15 -11.03 -4.58
CA THR A 93 2.20 -12.40 -5.07
C THR A 93 3.60 -12.99 -5.01
N THR A 94 4.62 -12.17 -5.29
CA THR A 94 5.99 -12.64 -5.13
C THR A 94 6.19 -13.09 -3.69
N THR A 95 5.71 -12.28 -2.76
CA THR A 95 5.78 -12.62 -1.34
C THR A 95 5.08 -13.95 -1.04
N LEU A 96 3.81 -14.04 -1.39
CA LEU A 96 3.00 -15.21 -0.99
C LEU A 96 3.38 -16.48 -1.74
N LEU A 97 3.76 -16.33 -3.01
CA LEU A 97 4.17 -17.48 -3.82
C LEU A 97 5.56 -17.97 -3.43
N THR A 98 6.33 -17.10 -2.78
CA THR A 98 7.63 -17.51 -2.22
C THR A 98 7.42 -18.30 -0.93
N LEU A 99 6.45 -17.87 -0.13
CA LEU A 99 6.23 -18.46 1.18
C LEU A 99 5.41 -19.74 1.13
N CYS A 100 4.49 -19.84 0.17
CA CYS A 100 3.50 -20.91 0.18
C CYS A 100 3.64 -21.90 -0.96
N GLN A 101 3.27 -23.14 -0.68
CA GLN A 101 3.21 -24.17 -1.71
C GLN A 101 1.94 -24.99 -1.54
N GLN A 102 1.69 -25.86 -2.51
CA GLN A 102 0.55 -26.76 -2.50
C GLN A 102 0.36 -27.37 -1.10
N GLY A 103 -0.85 -27.29 -0.58
CA GLY A 103 -1.15 -27.87 0.72
C GLY A 103 -1.10 -26.85 1.85
N ASP A 104 -0.48 -25.70 1.58
CA ASP A 104 -0.40 -24.62 2.57
C ASP A 104 -1.70 -23.86 2.66
N HIS A 105 -1.79 -23.01 3.68
CA HIS A 105 -3.03 -22.31 3.97
C HIS A 105 -2.74 -20.87 4.37
N ILE A 106 -3.65 -19.97 4.02
CA ILE A 106 -3.53 -18.57 4.40
C ILE A 106 -4.81 -18.09 5.06
N VAL A 107 -4.66 -17.35 6.15
CA VAL A 107 -5.80 -16.64 6.72
C VAL A 107 -5.70 -15.18 6.29
N SER A 108 -6.72 -14.70 5.60
CA SER A 108 -6.70 -13.33 5.07
C SER A 108 -7.89 -12.53 5.55
N ALA A 109 -7.66 -11.25 5.81
CA ALA A 109 -8.75 -10.33 6.01
C ALA A 109 -9.64 -10.35 4.77
N SER A 110 -10.94 -10.16 4.97
CA SER A 110 -11.87 -10.05 3.85
C SER A 110 -11.81 -8.65 3.24
N ALA A 111 -11.60 -7.65 4.08
CA ALA A 111 -11.58 -6.26 3.63
C ALA A 111 -10.22 -5.89 3.07
N ILE A 112 -9.94 -6.36 1.85
CA ILE A 112 -8.67 -6.10 1.22
C ILE A 112 -8.86 -5.58 -0.21
N TYR A 113 -7.77 -5.07 -0.79
CA TYR A 113 -7.74 -4.63 -2.17
C TYR A 113 -8.36 -5.68 -3.10
N GLY A 114 -9.18 -5.24 -4.04
CA GLY A 114 -9.93 -6.14 -4.90
C GLY A 114 -9.10 -7.15 -5.68
N CYS A 115 -8.03 -6.70 -6.31
CA CYS A 115 -7.21 -7.60 -7.10
C CYS A 115 -6.50 -8.61 -6.21
N THR A 116 -6.12 -8.19 -5.01
CA THR A 116 -5.56 -9.11 -4.03
C THR A 116 -6.60 -10.18 -3.70
N HIS A 117 -7.85 -9.76 -3.54
CA HIS A 117 -8.92 -10.69 -3.20
C HIS A 117 -9.12 -11.70 -4.33
N ALA A 118 -8.97 -11.24 -5.57
CA ALA A 118 -9.10 -12.13 -6.72
C ALA A 118 -7.99 -13.18 -6.75
N PHE A 119 -6.76 -12.75 -6.49
CA PHE A 119 -5.62 -13.67 -6.45
C PHE A 119 -5.81 -14.75 -5.38
N LEU A 120 -6.25 -14.31 -4.20
CA LEU A 120 -6.44 -15.22 -3.07
C LEU A 120 -7.67 -16.12 -3.25
N SER A 121 -8.73 -15.57 -3.83
CA SER A 121 -9.99 -16.31 -4.00
C SER A 121 -9.94 -17.34 -5.13
N HIS A 122 -9.32 -16.96 -6.24
CA HIS A 122 -9.39 -17.78 -7.45
C HIS A 122 -8.07 -18.43 -7.86
N SER A 123 -6.99 -17.67 -7.83
CA SER A 123 -5.70 -18.17 -8.29
C SER A 123 -5.00 -19.08 -7.30
N MET A 124 -4.91 -18.67 -6.03
CA MET A 124 -4.21 -19.48 -5.04
C MET A 124 -4.75 -20.91 -4.91
N PRO A 125 -6.08 -21.06 -4.80
CA PRO A 125 -6.64 -22.41 -4.68
C PRO A 125 -6.30 -23.31 -5.87
N LYS A 126 -6.08 -22.73 -7.04
CA LYS A 126 -5.77 -23.55 -8.20
C LYS A 126 -4.33 -24.07 -8.16
N PHE A 127 -3.53 -23.51 -7.24
CA PHE A 127 -2.19 -24.03 -6.98
C PHE A 127 -2.13 -24.86 -5.70
N GLY A 128 -3.30 -25.24 -5.17
CA GLY A 128 -3.35 -26.08 -3.99
C GLY A 128 -3.11 -25.33 -2.69
N ILE A 129 -3.17 -24.01 -2.76
CA ILE A 129 -2.99 -23.16 -1.57
C ILE A 129 -4.34 -22.57 -1.17
N ASN A 130 -4.86 -23.03 -0.04
CA ASN A 130 -6.20 -22.62 0.39
C ASN A 130 -6.18 -21.36 1.24
N VAL A 131 -7.23 -20.57 1.11
CA VAL A 131 -7.32 -19.30 1.80
C VAL A 131 -8.64 -19.19 2.54
N SER A 132 -8.54 -18.81 3.83
CA SER A 132 -9.74 -18.54 4.60
C SER A 132 -9.84 -17.05 4.85
N PHE A 133 -11.04 -16.49 4.50
CA PHE A 133 -11.28 -15.07 4.69
C PHE A 133 -12.04 -14.80 5.97
N VAL A 134 -11.59 -13.81 6.73
CA VAL A 134 -12.20 -13.47 8.01
C VAL A 134 -12.31 -11.97 8.15
N ASP A 135 -13.08 -11.54 9.15
CA ASP A 135 -13.15 -10.13 9.49
C ASP A 135 -11.99 -9.81 10.43
N ALA A 136 -10.94 -9.22 9.89
CA ALA A 136 -9.71 -9.00 10.65
C ALA A 136 -9.83 -7.93 11.72
N ALA A 137 -10.93 -7.19 11.71
CA ALA A 137 -11.20 -6.24 12.79
C ALA A 137 -11.54 -7.00 14.07
N LYS A 138 -11.74 -8.31 13.92
CA LYS A 138 -12.05 -9.20 15.05
C LYS A 138 -10.97 -10.26 15.15
N PRO A 139 -9.92 -10.00 15.95
CA PRO A 139 -8.76 -10.89 15.99
C PRO A 139 -9.11 -12.32 16.35
N GLU A 140 -10.23 -12.52 17.04
CA GLU A 140 -10.65 -13.87 17.39
C GLU A 140 -11.05 -14.68 16.16
N GLU A 141 -11.53 -14.00 15.12
CA GLU A 141 -11.86 -14.71 13.87
C GLU A 141 -10.59 -15.20 13.19
N ILE A 142 -9.52 -14.40 13.29
CA ILE A 142 -8.23 -14.81 12.78
C ILE A 142 -7.73 -16.05 13.51
N ARG A 143 -7.77 -16.01 14.83
CA ARG A 143 -7.34 -17.17 15.62
C ARG A 143 -8.13 -18.41 15.24
N ALA A 144 -9.44 -18.26 15.14
CA ALA A 144 -10.32 -19.41 14.92
C ALA A 144 -10.09 -20.07 13.57
N ALA A 145 -9.55 -19.29 12.62
CA ALA A 145 -9.40 -19.76 11.25
C ALA A 145 -8.04 -20.43 11.02
N MET A 146 -7.16 -20.34 12.00
CA MET A 146 -5.81 -20.89 11.90
CA MET A 146 -5.82 -20.89 11.82
C MET A 146 -5.83 -22.42 11.83
N ARG A 147 -4.97 -22.99 10.99
CA ARG A 147 -4.87 -24.43 10.83
C ARG A 147 -3.42 -24.85 11.00
N PRO A 148 -3.18 -26.16 11.16
CA PRO A 148 -1.79 -26.60 11.22
C PRO A 148 -1.03 -26.20 9.95
N GLU A 149 -1.75 -26.04 8.84
CA GLU A 149 -1.14 -25.73 7.55
C GLU A 149 -0.93 -24.23 7.32
N THR A 150 -1.49 -23.40 8.19
CA THR A 150 -1.42 -21.95 8.00
C THR A 150 0.02 -21.44 8.06
N LYS A 151 0.46 -20.82 6.96
CA LYS A 151 1.81 -20.28 6.86
C LYS A 151 1.80 -18.77 7.05
N VAL A 152 0.68 -18.14 6.66
CA VAL A 152 0.60 -16.69 6.58
C VAL A 152 -0.76 -16.18 7.03
N VAL A 153 -0.73 -15.08 7.77
CA VAL A 153 -1.92 -14.28 8.02
C VAL A 153 -1.72 -12.98 7.24
N TYR A 154 -2.72 -12.59 6.47
CA TYR A 154 -2.58 -11.45 5.57
C TYR A 154 -3.61 -10.37 5.87
N ILE A 155 -3.15 -9.14 6.10
CA ILE A 155 -4.05 -8.03 6.43
C ILE A 155 -3.68 -6.71 5.75
N GLU A 156 -4.68 -5.84 5.60
CA GLU A 156 -4.50 -4.45 5.20
C GLU A 156 -5.07 -3.56 6.29
N THR A 157 -4.44 -2.42 6.55
CA THR A 157 -5.01 -1.46 7.48
C THR A 157 -4.40 -0.07 7.33
N PRO A 158 -5.24 0.96 7.20
CA PRO A 158 -6.71 0.86 7.07
C PRO A 158 -7.12 0.07 5.84
N ALA A 159 -8.36 -0.42 5.84
CA ALA A 159 -8.86 -1.23 4.74
C ALA A 159 -9.97 -0.50 3.99
N ASN A 160 -10.12 -0.80 2.70
CA ASN A 160 -11.29 -0.34 1.97
C ASN A 160 -12.48 -1.24 2.30
N PRO A 161 -13.70 -0.74 2.05
CA PRO A 161 -14.00 0.57 1.49
C PRO A 161 -14.26 1.61 2.57
N THR A 162 -14.49 1.16 3.81
CA THR A 162 -14.90 2.07 4.87
C THR A 162 -13.80 2.33 5.90
N LEU A 163 -12.55 2.09 5.50
CA LEU A 163 -11.40 2.48 6.31
C LEU A 163 -11.44 1.90 7.73
N SER A 164 -11.92 0.67 7.85
CA SER A 164 -11.86 -0.04 9.13
C SER A 164 -10.39 -0.37 9.40
N LEU A 165 -10.07 -0.69 10.65
CA LEU A 165 -8.69 -0.94 11.03
C LEU A 165 -8.46 -2.39 11.44
N VAL A 166 -7.19 -2.76 11.52
CA VAL A 166 -6.78 -4.04 12.08
C VAL A 166 -5.68 -3.76 13.08
N ASP A 167 -5.80 -4.38 14.26
CA ASP A 167 -4.83 -4.21 15.32
C ASP A 167 -3.61 -5.05 15.00
N ILE A 168 -2.60 -4.43 14.39
CA ILE A 168 -1.42 -5.15 13.95
C ILE A 168 -0.69 -5.90 15.06
N GLU A 169 -0.42 -5.23 16.16
CA GLU A 169 0.34 -5.87 17.24
C GLU A 169 -0.39 -7.08 17.77
N THR A 170 -1.70 -6.95 17.96
CA THR A 170 -2.49 -8.04 18.50
C THR A 170 -2.54 -9.21 17.52
N VAL A 171 -2.73 -8.90 16.25
CA VAL A 171 -2.80 -9.94 15.24
C VAL A 171 -1.45 -10.64 15.08
N ALA A 172 -0.36 -9.87 15.15
CA ALA A 172 0.97 -10.45 15.07
C ALA A 172 1.20 -11.48 16.18
N GLY A 173 0.78 -11.13 17.40
CA GLY A 173 0.91 -12.01 18.54
C GLY A 173 0.18 -13.34 18.32
N ILE A 174 -1.05 -13.24 17.82
CA ILE A 174 -1.83 -14.42 17.49
C ILE A 174 -1.18 -15.28 16.41
N ALA A 175 -0.77 -14.63 15.33
CA ALA A 175 -0.14 -15.34 14.22
C ALA A 175 1.10 -16.08 14.69
N HIS A 176 1.97 -15.40 15.43
CA HIS A 176 3.23 -16.00 15.86
C HIS A 176 3.02 -17.15 16.82
N GLN A 177 2.08 -17.01 17.74
CA GLN A 177 1.80 -18.10 18.67
C GLN A 177 1.40 -19.36 17.92
N GLN A 178 0.73 -19.19 16.78
CA GLN A 178 0.31 -20.35 15.99
C GLN A 178 1.30 -20.69 14.88
N GLY A 179 2.48 -20.10 14.93
CA GLY A 179 3.57 -20.46 14.04
C GLY A 179 3.48 -19.91 12.62
N ALA A 180 2.72 -18.84 12.43
CA ALA A 180 2.59 -18.23 11.11
C ALA A 180 3.24 -16.86 11.04
N LEU A 181 3.50 -16.40 9.82
CA LEU A 181 4.01 -15.06 9.57
C LEU A 181 2.85 -14.11 9.39
N LEU A 182 3.04 -12.85 9.78
CA LEU A 182 2.05 -11.81 9.52
C LEU A 182 2.56 -10.93 8.38
N VAL A 183 1.79 -10.85 7.30
CA VAL A 183 2.13 -9.97 6.20
C VAL A 183 1.13 -8.82 6.21
N VAL A 184 1.65 -7.59 6.18
CA VAL A 184 0.79 -6.42 6.23
C VAL A 184 0.97 -5.58 4.97
N ASP A 185 -0.13 -5.29 4.29
CA ASP A 185 -0.11 -4.34 3.18
C ASP A 185 -0.25 -2.93 3.74
N ASN A 186 0.85 -2.18 3.71
CA ASN A 186 0.91 -0.85 4.31
C ASN A 186 0.72 0.30 3.31
N THR A 187 0.19 -0.03 2.13
CA THR A 187 0.03 0.94 1.05
C THR A 187 -0.68 2.24 1.46
N PHE A 188 -1.82 2.11 2.15
CA PHE A 188 -2.64 3.26 2.50
C PHE A 188 -1.94 4.29 3.38
N MET A 189 -1.09 3.83 4.29
CA MET A 189 -0.47 4.73 5.24
CA MET A 189 -0.43 4.68 5.28
C MET A 189 0.92 5.23 4.85
N SER A 190 1.71 4.38 4.17
CA SER A 190 3.12 4.65 3.93
C SER A 190 3.86 4.51 5.26
N PRO A 191 5.19 4.31 5.21
CA PRO A 191 5.95 4.18 6.46
C PRO A 191 5.92 5.47 7.27
N TYR A 192 5.56 6.59 6.66
CA TYR A 192 5.53 7.85 7.39
C TYR A 192 4.41 7.84 8.43
N CYS A 193 3.39 7.04 8.20
CA CYS A 193 2.19 7.06 9.07
C CYS A 193 1.98 5.79 9.87
N GLN A 194 2.58 4.69 9.43
CA GLN A 194 2.40 3.42 10.12
C GLN A 194 3.61 2.53 9.88
N GLN A 195 4.06 1.83 10.91
CA GLN A 195 5.20 0.93 10.78
C GLN A 195 4.90 -0.47 11.30
N PRO A 196 4.30 -1.32 10.46
CA PRO A 196 3.87 -2.65 10.89
C PRO A 196 4.98 -3.52 11.47
N LEU A 197 6.18 -3.43 10.91
CA LEU A 197 7.29 -4.23 11.42
C LEU A 197 7.60 -3.89 12.87
N GLN A 198 7.45 -2.62 13.22
CA GLN A 198 7.67 -2.19 14.60
C GLN A 198 6.62 -2.74 15.55
N LEU A 199 5.48 -3.16 14.98
CA LEU A 199 4.37 -3.68 15.78
C LEU A 199 4.30 -5.22 15.74
N GLY A 200 5.29 -5.85 15.12
CA GLY A 200 5.37 -7.30 15.15
C GLY A 200 5.17 -7.99 13.82
N ALA A 201 4.71 -7.26 12.82
CA ALA A 201 4.58 -7.85 11.49
C ALA A 201 5.94 -8.37 11.00
N ASP A 202 5.91 -9.42 10.17
CA ASP A 202 7.13 -10.01 9.67
C ASP A 202 7.53 -9.41 8.33
N ILE A 203 6.52 -9.10 7.53
CA ILE A 203 6.73 -8.63 6.17
C ILE A 203 5.76 -7.50 5.88
N VAL A 204 6.24 -6.46 5.21
CA VAL A 204 5.38 -5.38 4.76
C VAL A 204 5.44 -5.29 3.24
N VAL A 205 4.29 -5.14 2.61
CA VAL A 205 4.25 -4.89 1.17
C VAL A 205 3.58 -3.54 0.92
N HIS A 206 3.94 -2.91 -0.19
CA HIS A 206 3.33 -1.67 -0.63
C HIS A 206 3.10 -1.74 -2.12
N SER A 207 2.00 -1.16 -2.57
CA SER A 207 1.96 -0.62 -3.92
C SER A 207 2.59 0.77 -3.82
N VAL A 208 3.78 0.96 -4.41
CA VAL A 208 4.40 2.29 -4.37
C VAL A 208 3.70 3.19 -5.38
N THR A 209 2.84 2.59 -6.20
CA THR A 209 1.99 3.33 -7.11
C THR A 209 1.23 4.44 -6.39
N1 LLP A 210 -2.88 -2.90 -2.26
C2 LLP A 210 -3.52 -1.70 -2.01
C2' LLP A 210 -3.96 -1.36 -0.63
C3 LLP A 210 -3.73 -0.81 -3.06
O3 LLP A 210 -4.29 0.27 -2.83
C4 LLP A 210 -3.30 -1.12 -4.34
C4' LLP A 210 -3.53 -0.14 -5.47
C5 LLP A 210 -2.68 -2.35 -4.57
C6 LLP A 210 -2.46 -3.22 -3.52
C5' LLP A 210 -2.21 -2.74 -5.93
OP4 LLP A 210 -0.93 -2.25 -6.37
P LLP A 210 -0.62 -2.09 -7.93
OP1 LLP A 210 0.59 -1.25 -7.91
OP2 LLP A 210 -1.83 -1.46 -8.50
OP3 LLP A 210 -0.40 -3.47 -8.41
N LLP A 210 0.97 4.23 -5.11
CA LLP A 210 0.15 5.17 -4.35
CB LLP A 210 -0.74 4.43 -3.35
CG LLP A 210 -1.37 3.13 -3.91
CD LLP A 210 -2.14 3.33 -5.22
CE LLP A 210 -2.55 1.98 -5.86
NZ LLP A 210 -3.40 1.11 -5.00
C LLP A 210 1.05 6.23 -3.68
O LLP A 210 1.79 6.92 -4.37
N TYR A 211 1.00 6.36 -2.36
CA TYR A 211 1.68 7.46 -1.67
C TYR A 211 3.20 7.49 -1.77
N ILE A 212 3.85 6.32 -1.81
CA ILE A 212 5.31 6.31 -1.76
C ILE A 212 5.88 7.03 -2.98
N ASN A 213 5.39 6.68 -4.16
CA ASN A 213 5.76 7.47 -5.33
C ASN A 213 5.03 8.81 -5.31
N GLY A 214 3.71 8.75 -5.17
CA GLY A 214 2.90 9.93 -4.93
C GLY A 214 2.56 10.78 -6.13
N HIS A 215 3.15 10.49 -7.28
CA HIS A 215 2.99 11.39 -8.42
C HIS A 215 2.19 10.80 -9.58
N GLY A 216 1.53 9.67 -9.31
CA GLY A 216 0.59 9.07 -10.25
C GLY A 216 1.17 8.75 -11.62
N ASP A 217 2.43 8.33 -11.64
CA ASP A 217 3.10 8.09 -12.91
C ASP A 217 3.99 6.85 -12.84
N VAL A 218 3.82 6.09 -11.76
CA VAL A 218 4.56 4.85 -11.59
C VAL A 218 3.64 3.74 -11.11
N ILE A 219 3.68 2.59 -11.77
CA ILE A 219 3.13 1.36 -11.21
C ILE A 219 4.32 0.61 -10.63
N GLY A 220 4.23 0.22 -9.37
CA GLY A 220 5.34 -0.49 -8.74
C GLY A 220 4.99 -0.98 -7.35
N GLY A 221 5.80 -1.89 -6.83
CA GLY A 221 5.61 -2.40 -5.49
C GLY A 221 6.92 -2.53 -4.76
N ILE A 222 6.85 -2.80 -3.46
CA ILE A 222 8.03 -3.03 -2.66
C ILE A 222 7.68 -4.02 -1.57
N ILE A 223 8.65 -4.85 -1.22
CA ILE A 223 8.50 -5.79 -0.12
C ILE A 223 9.62 -5.48 0.84
N VAL A 224 9.31 -5.42 2.12
CA VAL A 224 10.31 -5.18 3.15
C VAL A 224 10.22 -6.26 4.24
N GLY A 225 11.35 -6.83 4.61
CA GLY A 225 11.37 -7.85 5.65
C GLY A 225 12.78 -8.25 6.03
N LYS A 226 12.91 -9.39 6.71
CA LYS A 226 14.22 -9.90 7.09
C LYS A 226 15.04 -10.24 5.85
N GLN A 227 16.35 -10.10 5.96
CA GLN A 227 17.25 -10.42 4.85
C GLN A 227 17.03 -11.82 4.29
N GLU A 228 16.89 -12.81 5.16
CA GLU A 228 16.84 -14.17 4.63
C GLU A 228 15.54 -14.48 3.88
N PHE A 229 14.44 -13.85 4.29
CA PHE A 229 13.22 -13.93 3.48
C PHE A 229 13.36 -13.15 2.17
N ILE A 230 13.85 -11.91 2.25
CA ILE A 230 13.99 -11.09 1.05
C ILE A 230 14.89 -11.75 0.01
N ASP A 231 15.95 -12.41 0.47
CA ASP A 231 16.84 -13.13 -0.43
C ASP A 231 16.10 -14.23 -1.19
N GLN A 232 15.17 -14.91 -0.53
CA GLN A 232 14.36 -15.94 -1.18
C GLN A 232 13.35 -15.30 -2.12
N ALA A 233 12.75 -14.20 -1.68
CA ALA A 233 11.81 -13.47 -2.54
C ALA A 233 12.51 -12.99 -3.80
N ARG A 234 13.77 -12.58 -3.67
CA ARG A 234 14.53 -12.10 -4.82
C ARG A 234 14.99 -13.26 -5.71
N PHE A 235 15.70 -14.21 -5.12
CA PHE A 235 16.41 -15.20 -5.92
C PHE A 235 15.56 -16.39 -6.32
N VAL A 236 14.34 -16.46 -5.79
CA VAL A 236 13.39 -17.49 -6.19
C VAL A 236 12.06 -16.89 -6.65
N GLY A 237 11.37 -16.18 -5.75
CA GLY A 237 10.10 -15.58 -6.08
C GLY A 237 10.15 -14.68 -7.30
N LEU A 238 11.06 -13.70 -7.29
CA LEU A 238 11.15 -12.77 -8.41
C LEU A 238 11.89 -13.38 -9.60
N LYS A 239 13.04 -14.00 -9.34
CA LYS A 239 13.89 -14.51 -10.40
C LYS A 239 13.19 -15.57 -11.24
N ASP A 240 12.45 -16.46 -10.57
CA ASP A 240 11.91 -17.64 -11.22
C ASP A 240 10.40 -17.63 -11.41
N ILE A 241 9.66 -17.11 -10.43
CA ILE A 241 8.20 -17.30 -10.39
C ILE A 241 7.39 -16.18 -11.05
N THR A 242 7.49 -14.96 -10.53
CA THR A 242 6.71 -13.86 -11.10
C THR A 242 7.45 -13.09 -12.18
N GLY A 243 8.77 -13.05 -12.09
CA GLY A 243 9.58 -12.24 -12.99
C GLY A 243 9.23 -10.77 -12.87
N GLY A 244 8.62 -10.40 -11.75
CA GLY A 244 8.08 -9.05 -11.57
C GLY A 244 9.08 -8.00 -11.13
N CYS A 245 10.15 -7.83 -11.89
CA CYS A 245 11.16 -6.84 -11.53
C CYS A 245 10.75 -5.42 -11.91
N MET A 246 11.27 -4.46 -11.15
CA MET A 246 11.00 -3.05 -11.41
C MET A 246 12.03 -2.48 -12.39
N SER A 247 11.57 -1.71 -13.35
CA SER A 247 12.45 -0.96 -14.25
C SER A 247 13.29 0.06 -13.46
N PRO A 248 14.57 0.20 -13.82
CA PRO A 248 15.41 1.20 -13.12
C PRO A 248 14.82 2.61 -13.18
N PHE A 249 14.25 2.99 -14.33
CA PHE A 249 13.61 4.31 -14.46
C PHE A 249 12.44 4.44 -13.50
N ASN A 250 11.63 3.39 -13.37
CA ASN A 250 10.57 3.39 -12.37
C ASN A 250 11.10 3.53 -10.95
N ALA A 251 12.20 2.86 -10.65
CA ALA A 251 12.81 2.99 -9.33
C ALA A 251 13.29 4.41 -9.10
N TRP A 252 13.90 5.00 -10.12
CA TRP A 252 14.41 6.35 -10.01
C TRP A 252 13.28 7.34 -9.79
N LEU A 253 12.18 7.17 -10.51
CA LEU A 253 11.02 8.02 -10.29
C LEU A 253 10.47 7.86 -8.89
N THR A 254 10.47 6.63 -8.38
CA THR A 254 9.94 6.38 -7.03
C THR A 254 10.85 6.99 -5.98
N LEU A 255 12.16 6.86 -6.17
CA LEU A 255 13.13 7.54 -5.32
C LEU A 255 12.87 9.04 -5.31
N ARG A 256 12.62 9.59 -6.48
CA ARG A 256 12.39 11.03 -6.61
C ARG A 256 11.10 11.41 -5.91
N GLY A 257 10.04 10.63 -6.12
CA GLY A 257 8.76 10.90 -5.50
C GLY A 257 8.81 10.79 -3.99
N VAL A 258 9.53 9.79 -3.48
CA VAL A 258 9.52 9.56 -2.04
C VAL A 258 10.27 10.65 -1.27
N LYS A 259 11.13 11.41 -1.96
CA LYS A 259 11.83 12.55 -1.35
C LYS A 259 10.89 13.45 -0.56
N THR A 260 9.67 13.62 -1.08
CA THR A 260 8.70 14.52 -0.48
C THR A 260 7.60 13.79 0.28
N LEU A 261 7.83 12.52 0.62
CA LEU A 261 6.80 11.71 1.30
C LEU A 261 6.31 12.38 2.59
N GLY A 262 7.24 12.88 3.38
CA GLY A 262 6.90 13.45 4.67
C GLY A 262 6.01 14.67 4.52
N ILE A 263 6.45 15.62 3.70
CA ILE A 263 5.67 16.85 3.53
C ILE A 263 4.37 16.56 2.77
N ARG A 264 4.38 15.57 1.88
CA ARG A 264 3.17 15.19 1.18
C ARG A 264 2.13 14.57 2.14
N MET A 265 2.56 13.59 2.94
CA MET A 265 1.63 12.96 3.88
C MET A 265 1.06 13.98 4.87
N GLU A 266 1.91 14.87 5.36
CA GLU A 266 1.44 15.92 6.26
C GLU A 266 0.31 16.73 5.62
N ARG A 267 0.49 17.12 4.36
CA ARG A 267 -0.50 17.95 3.70
C ARG A 267 -1.75 17.15 3.29
N HIS A 268 -1.54 15.94 2.79
CA HIS A 268 -2.66 15.03 2.49
C HIS A 268 -3.57 14.90 3.70
N CYS A 269 -2.96 14.64 4.85
CA CYS A 269 -3.69 14.36 6.06
C CYS A 269 -4.31 15.62 6.68
N GLU A 270 -3.59 16.73 6.59
CA GLU A 270 -4.16 18.00 7.04
C GLU A 270 -5.40 18.35 6.21
N ASN A 271 -5.28 18.22 4.89
CA ASN A 271 -6.40 18.45 3.99
C ASN A 271 -7.57 17.49 4.24
N ALA A 272 -7.27 16.20 4.39
CA ALA A 272 -8.31 15.19 4.54
C ALA A 272 -9.10 15.41 5.84
N LEU A 273 -8.42 15.82 6.90
CA LEU A 273 -9.11 16.07 8.17
C LEU A 273 -10.12 17.21 8.01
N LYS A 274 -9.71 18.29 7.38
CA LYS A 274 -10.61 19.42 7.14
CA LYS A 274 -10.60 19.43 7.13
C LYS A 274 -11.80 18.99 6.28
N ILE A 275 -11.54 18.21 5.25
CA ILE A 275 -12.59 17.75 4.35
C ILE A 275 -13.52 16.75 5.06
N ALA A 276 -12.93 15.87 5.87
CA ALA A 276 -13.73 14.92 6.62
C ALA A 276 -14.68 15.63 7.58
N ARG A 277 -14.18 16.68 8.24
CA ARG A 277 -15.00 17.43 9.18
C ARG A 277 -16.12 18.15 8.44
N PHE A 278 -15.80 18.71 7.28
CA PHE A 278 -16.81 19.37 6.47
C PHE A 278 -17.92 18.38 6.08
N LEU A 279 -17.52 17.18 5.69
CA LEU A 279 -18.48 16.17 5.26
C LEU A 279 -19.33 15.70 6.43
N GLU A 280 -18.72 15.57 7.60
CA GLU A 280 -19.45 15.14 8.79
C GLU A 280 -20.47 16.18 9.22
N GLY A 281 -20.28 17.42 8.79
CA GLY A 281 -21.19 18.49 9.15
C GLY A 281 -22.29 18.71 8.11
N HIS A 282 -22.22 17.96 7.00
CA HIS A 282 -23.14 18.19 5.89
C HIS A 282 -24.38 17.30 5.99
N PRO A 283 -25.57 17.92 6.05
CA PRO A 283 -26.80 17.17 6.30
C PRO A 283 -27.17 16.23 5.14
N SER A 284 -26.53 16.38 3.98
CA SER A 284 -26.83 15.52 2.85
C SER A 284 -25.91 14.30 2.82
N ILE A 285 -24.99 14.25 3.77
CA ILE A 285 -24.05 13.13 3.87
C ILE A 285 -24.41 12.28 5.09
N THR A 286 -24.81 11.03 4.85
CA THR A 286 -25.27 10.16 5.94
C THR A 286 -24.14 9.63 6.82
N ARG A 287 -23.03 9.23 6.20
CA ARG A 287 -21.89 8.69 6.95
C ARG A 287 -20.59 9.22 6.40
N VAL A 288 -19.59 9.37 7.27
CA VAL A 288 -18.24 9.68 6.84
C VAL A 288 -17.28 8.73 7.52
N TYR A 289 -16.50 8.02 6.70
CA TYR A 289 -15.52 7.08 7.21
C TYR A 289 -14.14 7.68 7.12
N TYR A 290 -13.57 7.99 8.29
CA TYR A 290 -12.25 8.60 8.35
C TYR A 290 -11.67 8.38 9.73
N PRO A 291 -10.47 7.77 9.81
CA PRO A 291 -9.89 7.42 11.10
C PRO A 291 -9.68 8.64 12.01
N GLY A 292 -9.68 9.83 11.43
CA GLY A 292 -9.42 11.07 12.16
C GLY A 292 -10.65 11.63 12.84
N LEU A 293 -11.81 11.05 12.56
CA LEU A 293 -13.04 11.45 13.23
C LEU A 293 -13.26 10.59 14.48
N SER A 294 -13.56 11.24 15.60
CA SER A 294 -13.68 10.53 16.88
C SER A 294 -14.77 9.46 16.88
N SER A 295 -15.73 9.59 15.97
CA SER A 295 -16.83 8.62 15.89
C SER A 295 -16.41 7.33 15.18
N HIS A 296 -15.22 7.31 14.62
CA HIS A 296 -14.69 6.09 14.01
C HIS A 296 -14.65 4.96 15.04
N PRO A 297 -15.25 3.80 14.72
CA PRO A 297 -15.43 2.69 15.65
C PRO A 297 -14.14 2.23 16.33
N GLN A 298 -13.00 2.41 15.66
CA GLN A 298 -11.72 1.98 16.19
C GLN A 298 -10.80 3.18 16.36
N TYR A 299 -11.40 4.32 16.66
CA TYR A 299 -10.66 5.57 16.77
C TYR A 299 -9.41 5.48 17.64
N GLU A 300 -9.53 4.94 18.84
CA GLU A 300 -8.39 4.90 19.77
C GLU A 300 -7.28 3.98 19.27
N LEU A 301 -7.66 2.86 18.66
CA LEU A 301 -6.67 1.98 18.05
C LEU A 301 -5.89 2.76 17.00
N GLY A 302 -6.62 3.51 16.18
CA GLY A 302 -6.01 4.33 15.15
C GLY A 302 -5.00 5.31 15.69
N GLN A 303 -5.29 5.90 16.84
CA GLN A 303 -4.40 6.89 17.43
C GLN A 303 -3.10 6.27 17.96
N ARG A 304 -3.17 5.02 18.40
CA ARG A 304 -1.98 4.34 18.89
C ARG A 304 -1.12 3.81 17.75
N GLN A 305 -1.78 3.42 16.67
CA GLN A 305 -1.16 2.65 15.61
C GLN A 305 -0.68 3.53 14.45
N MET A 306 -1.35 4.65 14.26
CA MET A 306 -1.08 5.54 13.12
C MET A 306 -0.66 6.91 13.62
N SER A 307 0.39 7.47 13.03
CA SER A 307 0.85 8.81 13.42
C SER A 307 -0.04 9.89 12.84
N LEU A 308 -0.71 9.58 11.74
CA LEU A 308 -1.66 10.49 11.11
C LEU A 308 -2.84 9.67 10.60
N PRO A 309 -4.01 10.29 10.45
CA PRO A 309 -5.20 9.52 10.09
C PRO A 309 -5.33 9.21 8.59
N GLY A 310 -4.41 9.70 7.77
CA GLY A 310 -4.39 9.34 6.36
C GLY A 310 -5.04 10.34 5.42
N GLY A 311 -4.91 10.09 4.11
CA GLY A 311 -5.39 11.02 3.12
C GLY A 311 -6.63 10.53 2.40
N ILE A 312 -7.19 9.42 2.87
CA ILE A 312 -8.32 8.79 2.21
C ILE A 312 -9.59 8.94 3.04
N ILE A 313 -10.69 9.30 2.37
CA ILE A 313 -11.99 9.40 3.03
C ILE A 313 -13.04 8.65 2.21
N SER A 314 -13.91 7.91 2.90
CA SER A 314 -15.10 7.41 2.22
C SER A 314 -16.31 8.03 2.88
N PHE A 315 -17.39 8.21 2.12
CA PHE A 315 -18.59 8.80 2.67
C PHE A 315 -19.82 8.37 1.88
N GLU A 316 -20.97 8.40 2.51
CA GLU A 316 -22.21 8.00 1.87
CA GLU A 316 -22.20 8.01 1.85
C GLU A 316 -23.07 9.22 1.64
N ILE A 317 -23.52 9.41 0.41
CA ILE A 317 -24.38 10.55 0.09
C ILE A 317 -25.84 10.12 0.15
N ALA A 318 -26.68 11.01 0.65
CA ALA A 318 -28.12 10.76 0.70
C ALA A 318 -28.65 10.46 -0.70
N GLY A 319 -29.53 9.47 -0.81
CA GLY A 319 -30.19 9.20 -2.06
C GLY A 319 -29.63 8.05 -2.88
N GLY A 320 -28.71 7.29 -2.28
CA GLY A 320 -28.19 6.09 -2.90
C GLY A 320 -27.52 6.24 -4.26
N LEU A 321 -27.71 5.22 -5.10
CA LEU A 321 -27.01 5.09 -6.37
C LEU A 321 -27.11 6.32 -7.27
N GLU A 322 -28.33 6.77 -7.53
CA GLU A 322 -28.55 7.92 -8.43
C GLU A 322 -27.90 9.19 -7.90
N ALA A 323 -27.94 9.37 -6.58
CA ALA A 323 -27.32 10.54 -5.96
C ALA A 323 -25.79 10.46 -6.10
N GLY A 324 -25.24 9.28 -5.85
CA GLY A 324 -23.81 9.06 -5.98
C GLY A 324 -23.35 9.34 -7.39
N ARG A 325 -24.14 8.88 -8.36
CA ARG A 325 -23.83 9.11 -9.77
C ARG A 325 -23.87 10.60 -10.10
N ARG A 326 -24.96 11.26 -9.72
CA ARG A 326 -25.09 12.69 -9.97
C ARG A 326 -23.95 13.48 -9.36
N MET A 327 -23.51 13.06 -8.18
CA MET A 327 -22.49 13.79 -7.45
C MET A 327 -21.12 13.73 -8.14
N ILE A 328 -20.68 12.51 -8.49
CA ILE A 328 -19.38 12.39 -9.16
C ILE A 328 -19.43 13.01 -10.55
N ASN A 329 -20.60 13.02 -11.17
CA ASN A 329 -20.77 13.68 -12.47
C ASN A 329 -20.82 15.20 -12.37
N SER A 330 -20.84 15.71 -11.13
CA SER A 330 -20.97 17.14 -10.91
C SER A 330 -19.70 17.81 -10.38
N VAL A 331 -18.70 17.02 -10.00
CA VAL A 331 -17.44 17.62 -9.54
C VAL A 331 -16.68 18.25 -10.71
N GLU A 332 -16.02 19.37 -10.45
CA GLU A 332 -15.32 20.13 -11.49
C GLU A 332 -13.82 20.13 -11.28
N LEU A 333 -13.40 19.80 -10.07
CA LEU A 333 -11.98 19.84 -9.72
C LEU A 333 -11.46 18.44 -9.39
N CYS A 334 -12.13 17.75 -8.46
CA CYS A 334 -11.82 16.35 -8.19
C CYS A 334 -11.88 15.58 -9.49
N LEU A 335 -10.95 14.64 -9.68
CA LEU A 335 -10.92 13.86 -10.91
C LEU A 335 -11.46 12.45 -10.73
N LEU A 336 -12.32 12.01 -11.65
CA LEU A 336 -12.87 10.66 -11.60
C LEU A 336 -11.85 9.62 -12.05
N ALA A 337 -11.39 8.80 -11.12
CA ALA A 337 -10.34 7.84 -11.44
C ALA A 337 -10.27 6.83 -10.31
N VAL A 338 -9.58 5.69 -10.51
N VAL A 338 -9.81 5.63 -10.67
CA VAL A 338 -9.62 4.62 -9.49
CA VAL A 338 -9.36 4.69 -9.69
C VAL A 338 -8.39 4.30 -8.59
C VAL A 338 -7.97 5.17 -9.36
N SER A 339 -7.30 5.07 -8.68
N SER A 339 -7.31 4.43 -8.51
CA SER A 339 -6.09 4.86 -7.87
C SER A 339 -6.22 5.88 -6.75
N LEU A 340 -5.15 6.04 -5.96
CA LEU A 340 -5.14 6.96 -4.84
C LEU A 340 -3.71 7.33 -4.51
N GLY A 341 -3.55 8.38 -3.70
CA GLY A 341 -2.23 8.75 -3.24
C GLY A 341 -1.49 9.65 -4.22
N ASP A 342 -2.22 10.18 -5.20
CA ASP A 342 -1.66 11.14 -6.17
C ASP A 342 -1.72 12.58 -5.61
N THR A 343 -1.05 13.51 -6.27
CA THR A 343 -1.08 14.90 -5.83
C THR A 343 -2.40 15.56 -6.15
N GLU A 344 -3.14 15.00 -7.11
CA GLU A 344 -4.48 15.49 -7.42
C GLU A 344 -5.53 14.74 -6.64
N THR A 345 -6.60 15.43 -6.29
CA THR A 345 -7.72 14.78 -5.62
C THR A 345 -8.47 13.88 -6.60
N LEU A 346 -8.64 12.61 -6.22
CA LEU A 346 -9.31 11.64 -7.05
C LEU A 346 -10.56 11.18 -6.34
N ILE A 347 -11.61 10.91 -7.11
CA ILE A 347 -12.88 10.51 -6.54
C ILE A 347 -13.43 9.33 -7.34
N GLN A 348 -14.14 8.43 -6.66
CA GLN A 348 -14.79 7.32 -7.35
C GLN A 348 -16.08 6.94 -6.65
N HIS A 349 -17.04 6.43 -7.43
CA HIS A 349 -18.33 6.00 -6.92
C HIS A 349 -18.53 4.55 -7.34
N PRO A 350 -17.97 3.62 -6.54
CA PRO A 350 -17.89 2.20 -6.91
C PRO A 350 -19.18 1.60 -7.45
N ALA A 351 -20.32 1.95 -6.86
CA ALA A 351 -21.59 1.33 -7.25
C ALA A 351 -22.00 1.63 -8.68
N SER A 352 -21.57 2.78 -9.21
CA SER A 352 -21.93 3.15 -10.57
C SER A 352 -20.77 3.03 -11.54
N MET A 353 -19.56 2.92 -11.00
CA MET A 353 -18.35 2.98 -11.83
C MET A 353 -17.63 1.65 -12.00
N THR A 354 -17.45 0.92 -10.90
CA THR A 354 -16.60 -0.27 -10.94
C THR A 354 -17.33 -1.55 -10.53
N HIS A 355 -18.48 -1.39 -9.90
CA HIS A 355 -19.27 -2.54 -9.45
C HIS A 355 -20.70 -2.45 -9.96
N SER A 356 -20.88 -1.68 -11.04
CA SER A 356 -22.22 -1.43 -11.59
C SER A 356 -22.98 -2.71 -11.99
N PRO A 357 -22.28 -3.68 -12.61
CA PRO A 357 -22.96 -4.91 -13.00
C PRO A 357 -23.00 -5.95 -11.88
N VAL A 358 -22.32 -5.67 -10.77
CA VAL A 358 -22.36 -6.55 -9.61
C VAL A 358 -23.70 -6.41 -8.90
N ALA A 359 -24.22 -7.50 -8.36
CA ALA A 359 -25.52 -7.50 -7.69
C ALA A 359 -25.52 -6.60 -6.46
N PRO A 360 -26.55 -5.75 -6.34
CA PRO A 360 -26.68 -4.80 -5.22
C PRO A 360 -26.44 -5.46 -3.87
N GLU A 361 -27.08 -6.60 -3.64
CA GLU A 361 -26.97 -7.29 -2.36
C GLU A 361 -25.58 -7.88 -2.14
N GLU A 362 -24.85 -8.12 -3.22
CA GLU A 362 -23.47 -8.59 -3.11
C GLU A 362 -22.55 -7.45 -2.70
N ARG A 363 -22.72 -6.31 -3.36
CA ARG A 363 -21.93 -5.12 -3.03
C ARG A 363 -22.14 -4.76 -1.57
N LEU A 364 -23.39 -4.83 -1.12
CA LEU A 364 -23.74 -4.52 0.26
C LEU A 364 -23.02 -5.42 1.25
N LYS A 365 -22.96 -6.70 0.94
CA LYS A 365 -22.21 -7.65 1.76
C LYS A 365 -20.74 -7.25 1.79
N ALA A 366 -20.28 -6.67 0.69
CA ALA A 366 -18.87 -6.27 0.55
C ALA A 366 -18.60 -4.90 1.17
N GLY A 367 -19.63 -4.29 1.77
CA GLY A 367 -19.47 -3.01 2.42
C GLY A 367 -19.64 -1.82 1.49
N ILE A 368 -19.92 -2.12 0.22
CA ILE A 368 -20.13 -1.07 -0.77
C ILE A 368 -21.62 -0.75 -0.92
N THR A 369 -22.06 0.34 -0.30
CA THR A 369 -23.44 0.77 -0.42
C THR A 369 -23.61 1.60 -1.68
N ASP A 370 -24.86 1.72 -2.13
CA ASP A 370 -25.15 2.43 -3.37
C ASP A 370 -24.66 3.88 -3.37
N GLY A 371 -24.64 4.51 -2.20
CA GLY A 371 -24.27 5.90 -2.10
C GLY A 371 -22.84 6.15 -1.65
N LEU A 372 -22.03 5.10 -1.58
CA LEU A 372 -20.66 5.23 -1.08
C LEU A 372 -19.74 5.87 -2.11
N ILE A 373 -19.05 6.92 -1.69
CA ILE A 373 -18.06 7.61 -2.53
C ILE A 373 -16.70 7.47 -1.84
N ARG A 374 -15.65 7.19 -2.62
CA ARG A 374 -14.30 7.17 -2.05
C ARG A 374 -13.49 8.34 -2.58
N LEU A 375 -12.79 9.02 -1.69
CA LEU A 375 -12.09 10.24 -2.03
C LEU A 375 -10.63 10.13 -1.62
N SER A 376 -9.73 10.33 -2.58
CA SER A 376 -8.31 10.42 -2.30
C SER A 376 -7.95 11.89 -2.30
N VAL A 377 -7.69 12.45 -1.11
CA VAL A 377 -7.45 13.88 -0.99
C VAL A 377 -6.05 14.27 -1.46
N GLY A 378 -5.97 15.23 -2.36
CA GLY A 378 -4.69 15.67 -2.92
C GLY A 378 -4.08 16.86 -2.20
N LEU A 379 -3.23 17.59 -2.93
CA LEU A 379 -2.47 18.70 -2.34
C LEU A 379 -3.03 20.07 -2.70
N GLU A 380 -4.20 20.11 -3.33
CA GLU A 380 -4.86 21.37 -3.63
C GLU A 380 -5.25 22.10 -2.33
N ASP A 381 -5.64 23.36 -2.45
CA ASP A 381 -6.19 24.06 -1.30
C ASP A 381 -7.48 23.36 -0.87
N PRO A 382 -7.55 22.96 0.41
CA PRO A 382 -8.73 22.23 0.89
C PRO A 382 -10.01 23.03 0.64
N GLU A 383 -9.93 24.35 0.78
CA GLU A 383 -11.06 25.21 0.51
C GLU A 383 -11.64 24.95 -0.88
N ASP A 384 -10.77 24.76 -1.87
CA ASP A 384 -11.21 24.50 -3.24
C ASP A 384 -11.88 23.15 -3.37
N ILE A 385 -11.31 22.14 -2.73
CA ILE A 385 -11.88 20.81 -2.78
CA ILE A 385 -11.88 20.81 -2.78
C ILE A 385 -13.24 20.79 -2.09
N ILE A 386 -13.30 21.42 -0.91
CA ILE A 386 -14.55 21.52 -0.17
C ILE A 386 -15.62 22.23 -1.00
N ASN A 387 -15.24 23.34 -1.63
CA ASN A 387 -16.17 24.08 -2.47
C ASN A 387 -16.68 23.22 -3.62
N ASP A 388 -15.79 22.45 -4.22
CA ASP A 388 -16.17 21.54 -5.30
C ASP A 388 -17.13 20.45 -4.81
N LEU A 389 -16.81 19.85 -3.68
CA LEU A 389 -17.66 18.80 -3.10
C LEU A 389 -19.04 19.38 -2.76
N GLU A 390 -19.02 20.53 -2.11
CA GLU A 390 -20.23 21.22 -1.67
CA GLU A 390 -20.25 21.18 -1.66
C GLU A 390 -21.15 21.48 -2.86
N HIS A 391 -20.55 21.96 -3.93
CA HIS A 391 -21.28 22.25 -5.15
C HIS A 391 -21.88 20.96 -5.72
N ALA A 392 -21.06 19.92 -5.82
CA ALA A 392 -21.50 18.65 -6.39
C ALA A 392 -22.58 17.99 -5.55
N ILE A 393 -22.41 17.99 -4.23
CA ILE A 393 -23.38 17.41 -3.31
C ILE A 393 -24.73 18.12 -3.42
N ARG A 394 -24.72 19.44 -3.31
CA ARG A 394 -25.95 20.22 -3.41
C ARG A 394 -26.69 19.89 -4.70
N LYS A 395 -25.95 19.79 -5.79
CA LYS A 395 -26.52 19.44 -7.08
C LYS A 395 -27.13 18.04 -7.05
N ALA A 396 -26.39 17.09 -6.48
CA ALA A 396 -26.80 15.69 -6.47
C ALA A 396 -28.04 15.42 -5.64
N THR A 397 -28.24 16.22 -4.59
CA THR A 397 -29.34 15.98 -3.65
C THR A 397 -30.51 16.92 -3.88
C ECX B . -6.86 1.55 -6.48
N ECX B . -4.96 0.44 -7.63
O ECX B . -8.10 1.47 -6.52
CA ECX B . -6.05 1.41 -7.78
CB ECX B . -6.84 0.99 -9.04
SC ECX B . -7.51 -0.72 -9.01
CD ECX B . -7.83 -0.96 -10.81
CE ECX B . -8.24 -2.40 -11.10
OXT ECX B . -6.19 1.78 -5.43
C1 PEG C . 2.45 5.69 16.69
O1 PEG C . 2.28 7.11 16.74
C2 PEG C . 2.59 5.25 15.24
O2 PEG C . 3.74 5.94 14.76
C3 PEG C . 4.00 5.65 13.38
C4 PEG C . 5.22 6.51 13.07
O4 PEG C . 5.61 6.35 11.72
#